data_6RNS
#
_entry.id   6RNS
#
_cell.length_a   67.851
_cell.length_b   54.622
_cell.length_c   103.032
_cell.angle_alpha   90.000
_cell.angle_beta   108.818
_cell.angle_gamma   90.000
#
_symmetry.space_group_name_H-M   'P 1 21 1'
#
loop_
_entity.id
_entity.type
_entity.pdbx_description
1 polymer 'Gem-associated protein 5'
2 non-polymer 'IODIDE ION'
3 water water
#
_entity_poly.entity_id   1
_entity_poly.type   'polypeptide(L)'
_entity_poly.pdbx_seq_one_letter_code
;ARSLLPLSTSLDHRSKEELHQDCLVLATAKHSRELNEDVSADVEERFHLGLFTDRATLYRMIDIEGKGHLENGHPELFHQ
LMLWKGDLKGVLQTAAERGELTDNLVAMAPAAGYHVWLWAVEAFAKQLCFQDQYVKAASHLLSIHKVYEAVELLKSNHFY
REAIAIAKARLRPEDPVLKDLYLSWGTVLERDGHYAVAAKCYLGATCAYDAAKVLAKKGDAASLRTAAELAAIVGEDELS
ASLALRCAQELL
;
_entity_poly.pdbx_strand_id   A,B
#
loop_
_chem_comp.id
_chem_comp.type
_chem_comp.name
_chem_comp.formula
IOD non-polymer 'IODIDE ION' 'I -1'
#
# COMPACT_ATOMS: atom_id res chain seq x y z
N ALA A 1 -4.09 5.16 -14.68
CA ALA A 1 -5.15 5.56 -13.77
C ALA A 1 -6.51 5.15 -14.33
N ARG A 2 -6.83 3.85 -14.22
CA ARG A 2 -8.09 3.35 -14.75
C ARG A 2 -9.26 3.96 -13.99
N SER A 3 -10.31 4.30 -14.73
CA SER A 3 -11.48 4.94 -14.13
C SER A 3 -12.21 3.99 -13.19
N LEU A 4 -12.81 4.57 -12.15
CA LEU A 4 -13.58 3.80 -11.18
C LEU A 4 -15.03 3.60 -11.59
N LEU A 5 -15.53 4.33 -12.59
CA LEU A 5 -16.92 4.26 -13.01
C LEU A 5 -16.98 4.06 -14.52
N PRO A 6 -16.58 2.88 -14.99
CA PRO A 6 -16.58 2.63 -16.44
C PRO A 6 -17.98 2.51 -17.02
N LEU A 7 -18.80 1.63 -16.45
CA LEU A 7 -20.10 1.33 -17.05
C LEU A 7 -20.99 2.55 -17.10
N SER A 8 -21.15 3.25 -15.97
CA SER A 8 -21.98 4.45 -15.96
C SER A 8 -21.43 5.50 -16.92
N THR A 9 -20.11 5.68 -16.94
CA THR A 9 -19.52 6.65 -17.86
C THR A 9 -19.84 6.30 -19.31
N SER A 10 -19.77 5.01 -19.66
CA SER A 10 -20.06 4.61 -21.03
C SER A 10 -21.48 4.97 -21.43
N LEU A 11 -22.45 4.71 -20.56
CA LEU A 11 -23.84 4.98 -20.89
C LEU A 11 -24.08 6.47 -21.10
N ASP A 12 -23.43 7.32 -20.31
CA ASP A 12 -23.58 8.76 -20.47
C ASP A 12 -23.02 9.25 -21.80
N HIS A 13 -22.13 8.48 -22.43
CA HIS A 13 -21.58 8.84 -23.74
C HIS A 13 -22.31 8.00 -24.80
N ARG A 14 -23.54 8.41 -25.09
CA ARG A 14 -24.37 7.73 -26.07
C ARG A 14 -25.03 8.77 -26.97
N SER A 15 -25.80 8.30 -27.93
CA SER A 15 -26.45 9.19 -28.89
C SER A 15 -27.36 10.19 -28.17
N LYS A 16 -27.60 11.32 -28.84
CA LYS A 16 -28.45 12.36 -28.27
C LYS A 16 -29.83 11.82 -27.91
N GLU A 17 -30.33 10.85 -28.67
CA GLU A 17 -31.59 10.21 -28.32
C GLU A 17 -31.58 9.71 -26.88
N GLU A 18 -30.48 9.04 -26.49
CA GLU A 18 -30.43 8.39 -25.19
C GLU A 18 -30.35 9.41 -24.05
N LEU A 19 -29.57 10.48 -24.25
CA LEU A 19 -29.46 11.50 -23.21
C LEU A 19 -30.76 12.27 -23.04
N HIS A 20 -31.56 12.40 -24.10
CA HIS A 20 -32.85 13.07 -23.97
C HIS A 20 -33.82 12.23 -23.16
N GLN A 21 -33.88 10.93 -23.42
CA GLN A 21 -34.70 10.04 -22.59
C GLN A 21 -34.23 10.08 -21.13
N ASP A 22 -32.91 10.21 -20.93
CA ASP A 22 -32.38 10.35 -19.57
C ASP A 22 -32.97 11.59 -18.90
N CYS A 23 -32.95 12.74 -19.59
CA CYS A 23 -33.47 13.98 -19.02
C CYS A 23 -34.93 13.83 -18.64
N LEU A 24 -35.74 13.23 -19.51
CA LEU A 24 -37.15 13.03 -19.19
C LEU A 24 -37.31 12.15 -17.97
N VAL A 25 -36.62 11.00 -17.95
CA VAL A 25 -36.70 10.11 -16.80
C VAL A 25 -36.22 10.82 -15.54
N LEU A 26 -35.19 11.66 -15.68
CA LEU A 26 -34.64 12.35 -14.51
C LEU A 26 -35.60 13.40 -13.99
N ALA A 27 -36.26 14.15 -14.88
CA ALA A 27 -37.21 15.17 -14.45
C ALA A 27 -38.38 14.55 -13.70
N THR A 28 -38.88 13.41 -14.17
CA THR A 28 -39.94 12.72 -13.46
C THR A 28 -39.50 12.34 -12.05
N ALA A 29 -38.27 11.85 -11.90
CA ALA A 29 -37.80 11.38 -10.61
C ALA A 29 -37.68 12.52 -9.61
N LYS A 30 -37.01 13.62 -10.00
CA LYS A 30 -36.84 14.73 -9.07
C LYS A 30 -38.18 15.27 -8.60
N HIS A 31 -39.19 15.24 -9.47
CA HIS A 31 -40.53 15.70 -9.14
C HIS A 31 -41.25 14.60 -8.35
N SER A 32 -40.83 14.47 -7.09
CA SER A 32 -41.31 13.38 -6.24
C SER A 32 -41.61 13.88 -4.85
N ARG A 33 -42.83 13.62 -4.37
CA ARG A 33 -43.20 13.83 -2.99
C ARG A 33 -43.52 12.54 -2.25
N GLU A 34 -43.75 11.45 -2.98
CA GLU A 34 -44.07 10.15 -2.40
C GLU A 34 -43.02 9.71 -1.39
N VAL A 43 -36.70 4.26 -14.64
CA VAL A 43 -35.69 4.51 -13.61
C VAL A 43 -34.77 3.31 -13.46
N GLU A 44 -35.36 2.13 -13.40
CA GLU A 44 -34.59 0.92 -13.10
C GLU A 44 -33.56 0.66 -14.20
N GLU A 45 -34.01 0.55 -15.45
CA GLU A 45 -33.09 0.20 -16.53
C GLU A 45 -31.95 1.20 -16.66
N ARG A 46 -32.16 2.45 -16.25
CA ARG A 46 -31.13 3.48 -16.35
C ARG A 46 -30.43 3.64 -15.00
N PHE A 47 -29.63 2.63 -14.66
CA PHE A 47 -28.93 2.64 -13.38
C PHE A 47 -27.94 3.80 -13.31
N HIS A 48 -27.39 4.22 -14.47
CA HIS A 48 -26.42 5.31 -14.50
C HIS A 48 -27.00 6.64 -14.04
N LEU A 49 -28.32 6.75 -13.87
CA LEU A 49 -28.91 7.98 -13.39
C LEU A 49 -28.75 8.16 -11.88
N GLY A 50 -28.32 7.14 -11.15
CA GLY A 50 -28.15 7.27 -9.71
C GLY A 50 -27.21 8.38 -9.32
N LEU A 51 -26.30 8.77 -10.21
CA LEU A 51 -25.41 9.88 -9.94
C LEU A 51 -26.16 11.19 -9.81
N PHE A 52 -27.31 11.30 -10.47
CA PHE A 52 -28.06 12.56 -10.53
C PHE A 52 -29.32 12.56 -9.68
N THR A 53 -29.65 11.46 -9.01
CA THR A 53 -30.95 11.32 -8.37
C THR A 53 -30.78 11.32 -6.88
N ASP A 54 -30.65 10.16 -6.23
CA ASP A 54 -30.56 10.10 -4.78
C ASP A 54 -29.49 9.10 -4.36
N ARG A 55 -29.18 9.10 -3.06
CA ARG A 55 -28.15 8.23 -2.51
C ARG A 55 -28.49 6.76 -2.74
N ALA A 56 -29.75 6.38 -2.50
CA ALA A 56 -30.14 4.98 -2.64
C ALA A 56 -29.86 4.47 -4.06
N THR A 57 -30.13 5.30 -5.06
CA THR A 57 -29.88 4.91 -6.45
C THR A 57 -28.40 5.01 -6.80
N LEU A 58 -27.66 5.91 -6.15
CA LEU A 58 -26.21 5.95 -6.34
C LEU A 58 -25.58 4.65 -5.86
N TYR A 59 -25.90 4.24 -4.63
CA TYR A 59 -25.35 2.98 -4.10
C TYR A 59 -25.67 1.81 -5.03
N ARG A 60 -26.90 1.76 -5.55
CA ARG A 60 -27.25 0.73 -6.53
C ARG A 60 -26.30 0.76 -7.72
N MET A 61 -25.97 1.96 -8.21
CA MET A 61 -25.06 2.10 -9.33
C MET A 61 -23.65 1.69 -8.94
N ILE A 62 -23.20 2.07 -7.75
CA ILE A 62 -21.87 1.67 -7.28
C ILE A 62 -21.79 0.16 -7.16
N ASP A 63 -22.81 -0.46 -6.55
CA ASP A 63 -22.84 -1.91 -6.46
C ASP A 63 -22.73 -2.57 -7.83
N ILE A 64 -23.46 -2.04 -8.82
CA ILE A 64 -23.34 -2.52 -10.18
C ILE A 64 -21.91 -2.33 -10.68
N GLU A 65 -21.31 -1.17 -10.39
CA GLU A 65 -19.95 -0.89 -10.83
C GLU A 65 -18.95 -1.80 -10.13
N GLY A 66 -19.14 -2.04 -8.83
CA GLY A 66 -18.28 -2.97 -8.13
C GLY A 66 -18.41 -4.38 -8.65
N LYS A 67 -19.65 -4.81 -8.92
CA LYS A 67 -19.87 -6.11 -9.54
C LYS A 67 -19.08 -6.23 -10.84
N GLY A 68 -19.07 -5.18 -11.66
CA GLY A 68 -18.32 -5.22 -12.90
C GLY A 68 -16.83 -5.36 -12.67
N HIS A 69 -16.31 -4.69 -11.64
CA HIS A 69 -14.88 -4.78 -11.34
C HIS A 69 -14.50 -6.19 -10.91
N LEU A 70 -15.32 -6.83 -10.08
CA LEU A 70 -15.01 -8.18 -9.63
C LEU A 70 -15.09 -9.18 -10.78
N GLU A 71 -16.01 -8.98 -11.73
CA GLU A 71 -15.98 -9.78 -12.94
C GLU A 71 -14.69 -9.53 -13.73
N ASN A 72 -14.29 -8.25 -13.84
CA ASN A 72 -13.05 -7.92 -14.53
C ASN A 72 -11.84 -8.49 -13.79
N GLY A 73 -11.95 -8.72 -12.49
CA GLY A 73 -10.84 -9.21 -11.71
C GLY A 73 -9.91 -8.15 -11.17
N HIS A 74 -10.36 -6.90 -11.12
CA HIS A 74 -9.57 -5.79 -10.58
C HIS A 74 -10.12 -5.40 -9.22
N PRO A 75 -9.82 -6.14 -8.15
CA PRO A 75 -10.45 -5.85 -6.86
C PRO A 75 -9.97 -4.57 -6.20
N GLU A 76 -8.80 -4.04 -6.60
CA GLU A 76 -8.34 -2.80 -5.98
C GLU A 76 -9.25 -1.63 -6.33
N LEU A 77 -9.92 -1.68 -7.48
CA LEU A 77 -10.90 -0.68 -7.83
C LEU A 77 -12.25 -0.97 -7.17
N PHE A 78 -12.57 -2.26 -6.96
CA PHE A 78 -13.71 -2.62 -6.13
C PHE A 78 -13.56 -2.07 -4.72
N HIS A 79 -12.31 -1.96 -4.23
CA HIS A 79 -12.09 -1.46 -2.88
C HIS A 79 -12.28 0.04 -2.80
N GLN A 80 -11.84 0.78 -3.82
CA GLN A 80 -12.00 2.23 -3.81
C GLN A 80 -13.46 2.63 -3.71
N LEU A 81 -14.33 1.96 -4.49
CA LEU A 81 -15.74 2.33 -4.53
C LEU A 81 -16.41 2.10 -3.18
N MET A 82 -16.02 1.04 -2.47
CA MET A 82 -16.67 0.73 -1.20
C MET A 82 -16.24 1.70 -0.11
N LEU A 83 -15.02 2.24 -0.19
CA LEU A 83 -14.62 3.30 0.73
C LEU A 83 -15.50 4.53 0.56
N TRP A 84 -15.96 4.81 -0.66
CA TRP A 84 -16.83 5.95 -0.89
C TRP A 84 -18.16 5.78 -0.17
N LYS A 85 -18.73 4.58 -0.19
CA LYS A 85 -19.99 4.32 0.49
C LYS A 85 -19.88 4.39 2.01
N GLY A 86 -18.67 4.51 2.55
CA GLY A 86 -18.49 4.46 3.99
C GLY A 86 -18.52 3.07 4.56
N ASP A 87 -18.14 2.07 3.76
CA ASP A 87 -18.21 0.67 4.13
C ASP A 87 -16.83 0.05 4.23
N LEU A 88 -15.87 0.78 4.82
CA LEU A 88 -14.50 0.27 4.90
C LEU A 88 -14.43 -0.97 5.79
N LYS A 89 -15.09 -0.93 6.95
CA LYS A 89 -15.12 -2.11 7.80
C LYS A 89 -15.67 -3.32 7.05
N GLY A 90 -16.74 -3.12 6.28
CA GLY A 90 -17.30 -4.23 5.53
C GLY A 90 -16.36 -4.77 4.48
N VAL A 91 -15.70 -3.88 3.74
CA VAL A 91 -14.86 -4.33 2.65
C VAL A 91 -13.55 -4.92 3.17
N LEU A 92 -13.11 -4.50 4.36
CA LEU A 92 -11.94 -5.13 4.97
C LEU A 92 -12.25 -6.58 5.35
N GLN A 93 -13.37 -6.80 6.05
CA GLN A 93 -13.80 -8.16 6.33
C GLN A 93 -13.93 -8.98 5.06
N THR A 94 -14.48 -8.37 4.00
CA THR A 94 -14.69 -9.09 2.75
C THR A 94 -13.36 -9.47 2.10
N ALA A 95 -12.44 -8.51 1.98
CA ALA A 95 -11.17 -8.78 1.34
C ALA A 95 -10.34 -9.80 2.13
N ALA A 96 -10.44 -9.79 3.45
CA ALA A 96 -9.78 -10.80 4.25
C ALA A 96 -10.33 -12.18 3.94
N GLU A 97 -11.66 -12.34 3.95
CA GLU A 97 -12.27 -13.63 3.70
C GLU A 97 -11.92 -14.16 2.31
N ARG A 98 -11.69 -13.28 1.36
CA ARG A 98 -11.34 -13.68 -0.01
C ARG A 98 -9.84 -13.62 -0.28
N GLY A 99 -9.03 -13.23 0.71
CA GLY A 99 -7.61 -13.12 0.50
C GLY A 99 -7.23 -12.07 -0.52
N GLU A 100 -7.91 -10.93 -0.49
CA GLU A 100 -7.64 -9.84 -1.42
C GLU A 100 -7.14 -8.58 -0.72
N LEU A 101 -6.62 -8.71 0.50
CA LEU A 101 -6.08 -7.57 1.21
C LEU A 101 -4.88 -7.00 0.47
N THR A 102 -4.63 -5.71 0.69
CA THR A 102 -3.57 -5.00 0.00
C THR A 102 -2.94 -4.00 0.95
N ASP A 103 -1.79 -3.46 0.55
CA ASP A 103 -1.20 -2.35 1.29
C ASP A 103 -2.14 -1.15 1.28
N ASN A 104 -2.76 -0.88 0.13
CA ASN A 104 -3.74 0.20 0.01
C ASN A 104 -4.82 0.07 1.08
N LEU A 105 -5.37 -1.14 1.25
CA LEU A 105 -6.45 -1.35 2.21
C LEU A 105 -5.97 -1.14 3.65
N VAL A 106 -4.76 -1.58 3.96
CA VAL A 106 -4.22 -1.40 5.31
C VAL A 106 -3.86 0.06 5.55
N ALA A 107 -3.46 0.78 4.49
CA ALA A 107 -3.12 2.19 4.65
C ALA A 107 -4.35 3.02 5.01
N MET A 108 -5.54 2.59 4.61
CA MET A 108 -6.77 3.29 4.91
C MET A 108 -7.53 2.70 6.10
N ALA A 109 -7.13 1.54 6.58
CA ALA A 109 -7.87 0.89 7.67
C ALA A 109 -8.05 1.77 8.90
N PRO A 110 -7.09 2.59 9.31
CA PRO A 110 -7.32 3.41 10.51
C PRO A 110 -8.54 4.32 10.40
N ALA A 111 -9.05 4.56 9.19
CA ALA A 111 -10.26 5.37 9.06
C ALA A 111 -11.39 4.79 9.90
N ALA A 112 -11.50 3.46 9.95
CA ALA A 112 -12.50 2.77 10.75
C ALA A 112 -12.08 2.61 12.21
N GLY A 113 -10.98 3.21 12.63
CA GLY A 113 -10.51 3.08 13.99
C GLY A 113 -9.13 2.48 14.10
N TYR A 114 -8.41 2.78 15.18
CA TYR A 114 -7.06 2.26 15.35
C TYR A 114 -7.07 0.74 15.46
N HIS A 115 -8.09 0.18 16.11
CA HIS A 115 -8.13 -1.26 16.34
C HIS A 115 -8.50 -2.03 15.08
N VAL A 116 -9.07 -1.36 14.08
CA VAL A 116 -9.34 -2.04 12.81
C VAL A 116 -8.06 -2.18 12.00
N TRP A 117 -7.24 -1.13 11.97
CA TRP A 117 -5.90 -1.26 11.39
C TRP A 117 -5.13 -2.38 12.05
N LEU A 118 -5.08 -2.37 13.39
CA LEU A 118 -4.44 -3.44 14.13
C LEU A 118 -4.98 -4.81 13.70
N TRP A 119 -6.30 -4.90 13.50
CA TRP A 119 -6.88 -6.15 13.01
C TRP A 119 -6.45 -6.44 11.57
N ALA A 120 -6.48 -5.41 10.71
CA ALA A 120 -6.15 -5.63 9.31
C ALA A 120 -4.69 -6.02 9.13
N VAL A 121 -3.79 -5.45 9.93
CA VAL A 121 -2.38 -5.80 9.86
C VAL A 121 -2.20 -7.29 10.15
N GLU A 122 -2.96 -7.83 11.10
CA GLU A 122 -2.85 -9.25 11.43
C GLU A 122 -3.38 -10.10 10.29
N ALA A 123 -4.56 -9.78 9.76
CA ALA A 123 -5.13 -10.56 8.68
C ALA A 123 -4.29 -10.48 7.42
N PHE A 124 -3.64 -9.32 7.18
CA PHE A 124 -2.77 -9.18 6.01
C PHE A 124 -1.48 -9.99 6.18
N ALA A 125 -0.98 -10.12 7.42
CA ALA A 125 0.18 -10.96 7.65
C ALA A 125 -0.16 -12.43 7.45
N LYS A 126 -1.26 -12.88 8.05
CA LYS A 126 -1.71 -14.26 7.85
C LYS A 126 -1.88 -14.56 6.36
N GLN A 127 -2.31 -13.58 5.58
CA GLN A 127 -2.49 -13.80 4.14
C GLN A 127 -1.14 -13.85 3.42
N LEU A 128 -0.22 -12.95 3.78
CA LEU A 128 1.08 -12.92 3.13
C LEU A 128 1.85 -14.23 3.33
N CYS A 129 1.66 -14.87 4.49
CA CYS A 129 2.30 -16.17 4.71
C CYS A 129 1.76 -17.22 3.75
N PHE A 130 0.43 -17.28 3.59
CA PHE A 130 -0.15 -18.17 2.60
C PHE A 130 0.46 -17.96 1.23
N GLN A 131 0.72 -16.71 0.86
CA GLN A 131 1.31 -16.38 -0.42
C GLN A 131 2.83 -16.45 -0.40
N ASP A 132 3.42 -16.91 0.70
CA ASP A 132 4.88 -17.10 0.82
C ASP A 132 5.62 -15.79 0.54
N GLN A 133 5.25 -14.76 1.31
CA GLN A 133 5.96 -13.49 1.35
C GLN A 133 6.28 -13.22 2.82
N TYR A 134 7.19 -14.03 3.37
CA TYR A 134 7.38 -14.07 4.81
C TYR A 134 8.13 -12.86 5.34
N VAL A 135 9.07 -12.31 4.57
CA VAL A 135 9.77 -11.13 5.03
C VAL A 135 8.82 -9.94 5.10
N LYS A 136 7.94 -9.81 4.11
CA LYS A 136 6.90 -8.77 4.17
C LYS A 136 5.97 -9.04 5.34
N ALA A 137 5.52 -10.29 5.48
CA ALA A 137 4.66 -10.65 6.61
C ALA A 137 5.30 -10.26 7.93
N ALA A 138 6.60 -10.54 8.08
CA ALA A 138 7.30 -10.19 9.32
C ALA A 138 7.39 -8.67 9.49
N SER A 139 7.67 -7.95 8.41
CA SER A 139 7.77 -6.50 8.49
C SER A 139 6.47 -5.89 9.02
N HIS A 140 5.32 -6.43 8.57
CA HIS A 140 4.05 -5.91 9.05
C HIS A 140 3.77 -6.28 10.49
N LEU A 141 4.31 -7.42 10.96
CA LEU A 141 4.21 -7.75 12.37
C LEU A 141 5.05 -6.80 13.21
N LEU A 142 6.13 -6.25 12.65
CA LEU A 142 6.91 -5.24 13.36
C LEU A 142 6.12 -3.94 13.53
N SER A 143 5.24 -3.63 12.58
CA SER A 143 4.45 -2.40 12.67
C SER A 143 3.43 -2.46 13.79
N ILE A 144 3.03 -3.65 14.23
CA ILE A 144 2.12 -3.79 15.38
C ILE A 144 2.88 -4.21 16.63
N HIS A 145 4.21 -4.07 16.64
CA HIS A 145 5.05 -4.28 17.82
C HIS A 145 5.01 -5.74 18.27
N LYS A 146 5.12 -6.65 17.32
CA LYS A 146 5.22 -8.08 17.60
C LYS A 146 6.57 -8.59 17.10
N VAL A 147 7.64 -8.19 17.78
CA VAL A 147 8.98 -8.53 17.34
C VAL A 147 9.22 -10.03 17.44
N TYR A 148 8.93 -10.61 18.61
CA TYR A 148 9.19 -12.03 18.81
C TYR A 148 8.38 -12.89 17.83
N GLU A 149 7.16 -12.46 17.50
CA GLU A 149 6.35 -13.22 16.55
C GLU A 149 6.88 -13.09 15.13
N ALA A 150 7.42 -11.92 14.79
CA ALA A 150 8.03 -11.74 13.46
C ALA A 150 9.32 -12.54 13.34
N VAL A 151 10.13 -12.57 14.40
CA VAL A 151 11.38 -13.33 14.36
C VAL A 151 11.09 -14.82 14.29
N GLU A 152 10.11 -15.30 15.07
CA GLU A 152 9.79 -16.73 15.05
C GLU A 152 9.17 -17.14 13.73
N LEU A 153 8.45 -16.22 13.07
CA LEU A 153 7.88 -16.53 11.76
C LEU A 153 8.98 -16.75 10.73
N LEU A 154 9.98 -15.86 10.71
CA LEU A 154 11.09 -16.00 9.78
C LEU A 154 11.92 -17.24 10.10
N LYS A 155 12.28 -17.42 11.37
CA LYS A 155 13.05 -18.59 11.77
C LYS A 155 12.34 -19.87 11.34
N SER A 156 11.07 -20.02 11.71
CA SER A 156 10.33 -21.24 11.41
C SER A 156 10.21 -21.50 9.91
N ASN A 157 10.48 -20.50 9.08
CA ASN A 157 10.44 -20.66 7.63
C ASN A 157 11.83 -20.59 7.01
N HIS A 158 12.88 -20.80 7.82
CA HIS A 158 14.25 -20.91 7.34
C HIS A 158 14.77 -19.59 6.76
N PHE A 159 14.31 -18.48 7.32
CA PHE A 159 14.83 -17.16 6.97
C PHE A 159 15.76 -16.66 8.06
N TYR A 160 16.75 -17.50 8.41
CA TYR A 160 17.64 -17.19 9.52
C TYR A 160 18.36 -15.86 9.30
N ARG A 161 18.80 -15.60 8.07
CA ARG A 161 19.52 -14.36 7.79
C ARG A 161 18.70 -13.14 8.20
N GLU A 162 17.44 -13.07 7.74
CA GLU A 162 16.60 -11.94 8.06
C GLU A 162 16.10 -11.98 9.50
N ALA A 163 15.88 -13.17 10.04
CA ALA A 163 15.41 -13.30 11.41
C ALA A 163 16.44 -12.75 12.39
N ILE A 164 17.73 -12.97 12.12
CA ILE A 164 18.76 -12.45 13.00
C ILE A 164 18.94 -10.95 12.82
N ALA A 165 18.83 -10.47 11.57
CA ALA A 165 18.96 -9.04 11.31
C ALA A 165 17.90 -8.24 12.08
N ILE A 166 16.68 -8.78 12.17
CA ILE A 166 15.63 -8.08 12.91
C ILE A 166 15.86 -8.21 14.41
N ALA A 167 16.13 -9.44 14.88
CA ALA A 167 16.36 -9.65 16.30
C ALA A 167 17.52 -8.80 16.80
N LYS A 168 18.63 -8.79 16.06
CA LYS A 168 19.77 -7.97 16.46
C LYS A 168 19.42 -6.50 16.47
N ALA A 169 18.49 -6.07 15.61
CA ALA A 169 18.13 -4.66 15.52
C ALA A 169 17.13 -4.25 16.59
N ARG A 170 16.29 -5.18 17.04
CA ARG A 170 15.21 -4.88 17.97
C ARG A 170 15.41 -5.47 19.36
N LEU A 171 16.12 -6.58 19.47
CA LEU A 171 16.30 -7.25 20.75
C LEU A 171 17.66 -6.88 21.33
N ARG A 172 17.85 -7.24 22.57
CA ARG A 172 19.08 -6.91 23.28
C ARG A 172 20.13 -7.99 23.08
N PRO A 173 21.41 -7.61 23.17
CA PRO A 173 22.47 -8.59 22.88
C PRO A 173 22.37 -9.88 23.68
N GLU A 174 21.85 -9.84 24.90
CA GLU A 174 21.76 -11.02 25.74
C GLU A 174 20.39 -11.66 25.73
N ASP A 175 19.52 -11.27 24.81
CA ASP A 175 18.19 -11.87 24.71
C ASP A 175 18.32 -13.33 24.32
N PRO A 176 17.76 -14.27 25.10
CA PRO A 176 17.87 -15.69 24.72
C PRO A 176 17.43 -16.01 23.30
N VAL A 177 16.49 -15.23 22.75
CA VAL A 177 16.01 -15.51 21.40
C VAL A 177 17.11 -15.29 20.37
N LEU A 178 17.99 -14.32 20.61
CA LEU A 178 19.05 -14.02 19.66
C LEU A 178 20.09 -15.13 19.62
N LYS A 179 20.44 -15.69 20.79
CA LYS A 179 21.37 -16.81 20.82
C LYS A 179 20.79 -18.03 20.14
N ASP A 180 19.53 -18.36 20.45
CA ASP A 180 18.89 -19.53 19.87
C ASP A 180 18.81 -19.44 18.35
N LEU A 181 18.72 -18.23 17.79
CA LEU A 181 18.72 -18.08 16.35
C LEU A 181 20.07 -18.51 15.78
N TYR A 182 21.16 -17.95 16.31
CA TYR A 182 22.49 -18.33 15.87
C TYR A 182 22.70 -19.83 15.96
N LEU A 183 22.43 -20.41 17.13
CA LEU A 183 22.61 -21.85 17.29
C LEU A 183 21.73 -22.62 16.32
N SER A 184 20.45 -22.25 16.23
CA SER A 184 19.54 -22.96 15.33
C SER A 184 20.04 -22.92 13.89
N TRP A 185 20.52 -21.76 13.44
CA TRP A 185 21.03 -21.64 12.08
C TRP A 185 22.30 -22.46 11.90
N GLY A 186 23.21 -22.38 12.88
CA GLY A 186 24.44 -23.16 12.78
C GLY A 186 24.19 -24.65 12.72
N THR A 187 23.25 -25.15 13.54
CA THR A 187 22.90 -26.57 13.50
C THR A 187 22.52 -26.99 12.09
N VAL A 188 21.77 -26.15 11.38
CA VAL A 188 21.32 -26.50 10.03
C VAL A 188 22.49 -26.42 9.05
N LEU A 189 23.33 -25.38 9.18
CA LEU A 189 24.49 -25.28 8.30
C LEU A 189 25.45 -26.44 8.53
N GLU A 190 25.66 -26.83 9.79
CA GLU A 190 26.53 -27.95 10.09
C GLU A 190 25.97 -29.26 9.54
N ARG A 191 24.64 -29.44 9.64
CA ARG A 191 24.03 -30.66 9.14
C ARG A 191 24.21 -30.80 7.64
N ASP A 192 24.31 -29.69 6.92
CA ASP A 192 24.45 -29.70 5.47
C ASP A 192 25.90 -29.64 5.01
N GLY A 193 26.85 -29.60 5.95
CA GLY A 193 28.26 -29.59 5.60
C GLY A 193 28.88 -28.22 5.40
N HIS A 194 28.09 -27.15 5.50
CA HIS A 194 28.60 -25.78 5.41
C HIS A 194 29.27 -25.45 6.74
N TYR A 195 30.53 -25.86 6.85
CA TYR A 195 31.21 -25.87 8.15
C TYR A 195 31.76 -24.50 8.52
N ALA A 196 32.27 -23.75 7.57
CA ALA A 196 32.82 -22.43 7.88
C ALA A 196 31.71 -21.48 8.32
N VAL A 197 30.59 -21.46 7.61
CA VAL A 197 29.49 -20.57 7.97
C VAL A 197 28.90 -20.95 9.32
N ALA A 198 28.82 -22.26 9.59
CA ALA A 198 28.31 -22.71 10.88
C ALA A 198 29.13 -22.16 12.04
N ALA A 199 30.44 -22.00 11.85
CA ALA A 199 31.30 -21.49 12.91
C ALA A 199 30.90 -20.08 13.32
N LYS A 200 30.60 -19.21 12.34
CA LYS A 200 30.24 -17.83 12.65
C LYS A 200 28.98 -17.77 13.49
N CYS A 201 28.01 -18.66 13.23
CA CYS A 201 26.82 -18.71 14.07
C CYS A 201 27.18 -18.96 15.52
N TYR A 202 27.97 -20.03 15.76
CA TYR A 202 28.39 -20.34 17.12
C TYR A 202 29.21 -19.20 17.72
N LEU A 203 30.08 -18.58 16.92
CA LEU A 203 30.78 -17.39 17.40
C LEU A 203 29.82 -16.25 17.69
N GLY A 204 28.80 -16.08 16.84
CA GLY A 204 27.79 -15.06 17.09
C GLY A 204 27.00 -15.31 18.36
N ALA A 205 26.87 -16.57 18.75
CA ALA A 205 26.20 -16.94 20.00
C ALA A 205 27.16 -17.02 21.19
N THR A 206 28.40 -16.55 21.03
CA THR A 206 29.40 -16.61 22.09
C THR A 206 29.67 -18.06 22.50
N CYS A 207 29.83 -18.92 21.49
CA CYS A 207 30.21 -20.32 21.71
C CYS A 207 31.50 -20.60 20.95
N ALA A 208 32.58 -19.89 21.31
CA ALA A 208 33.83 -20.03 20.56
C ALA A 208 34.37 -21.44 20.65
N TYR A 209 34.24 -22.08 21.82
CA TYR A 209 34.71 -23.45 21.99
C TYR A 209 34.06 -24.37 20.95
N ASP A 210 32.73 -24.34 20.85
CA ASP A 210 32.02 -25.16 19.88
C ASP A 210 32.20 -24.66 18.46
N ALA A 211 32.61 -23.40 18.28
CA ALA A 211 32.84 -22.88 16.93
C ALA A 211 34.13 -23.44 16.34
N ALA A 212 35.16 -23.64 17.18
CA ALA A 212 36.41 -24.21 16.70
C ALA A 212 36.23 -25.68 16.34
N LYS A 213 35.42 -26.40 17.11
CA LYS A 213 35.18 -27.81 16.82
C LYS A 213 34.54 -27.98 15.45
N VAL A 214 33.45 -27.24 15.19
CA VAL A 214 32.73 -27.37 13.93
C VAL A 214 33.65 -27.05 12.76
N LEU A 215 34.46 -26.00 12.89
CA LEU A 215 35.38 -25.65 11.81
C LEU A 215 36.42 -26.73 11.57
N ALA A 216 36.69 -27.57 12.57
CA ALA A 216 37.63 -28.67 12.39
C ALA A 216 36.98 -29.87 11.70
N LYS A 217 35.65 -30.01 11.81
CA LYS A 217 34.97 -31.12 11.16
C LYS A 217 35.28 -31.19 9.67
N LYS A 218 35.52 -30.04 9.04
CA LYS A 218 35.90 -30.03 7.63
C LYS A 218 37.04 -31.01 7.37
N GLY A 219 38.15 -30.85 8.11
CA GLY A 219 39.19 -31.86 8.16
C GLY A 219 40.44 -31.53 7.37
N ASP A 220 40.38 -30.61 6.43
CA ASP A 220 41.55 -30.32 5.61
C ASP A 220 42.57 -29.51 6.40
N ALA A 221 43.73 -29.29 5.77
CA ALA A 221 44.83 -28.62 6.45
C ALA A 221 44.50 -27.17 6.78
N ALA A 222 43.72 -26.49 5.93
CA ALA A 222 43.40 -25.09 6.17
C ALA A 222 42.34 -24.94 7.25
N SER A 223 41.37 -25.86 7.31
CA SER A 223 40.32 -25.76 8.32
C SER A 223 40.89 -25.96 9.72
N LEU A 224 41.64 -27.04 9.93
CA LEU A 224 42.24 -27.29 11.23
C LEU A 224 43.15 -26.14 11.63
N ARG A 225 43.91 -25.60 10.68
CA ARG A 225 44.79 -24.48 10.96
C ARG A 225 44.01 -23.28 11.51
N THR A 226 42.97 -22.85 10.78
CA THR A 226 42.16 -21.73 11.23
C THR A 226 41.43 -22.07 12.53
N ALA A 227 40.97 -23.31 12.67
CA ALA A 227 40.32 -23.72 13.92
C ALA A 227 41.28 -23.63 15.09
N ALA A 228 42.56 -23.95 14.86
CA ALA A 228 43.55 -23.88 15.94
C ALA A 228 43.82 -22.44 16.33
N GLU A 229 44.02 -21.56 15.34
CA GLU A 229 44.22 -20.15 15.63
C GLU A 229 42.99 -19.54 16.30
N LEU A 230 41.80 -19.97 15.87
CA LEU A 230 40.56 -19.47 16.49
C LEU A 230 40.53 -19.81 17.97
N ALA A 231 40.82 -21.07 18.31
CA ALA A 231 40.82 -21.47 19.72
C ALA A 231 41.90 -20.73 20.51
N ALA A 232 43.01 -20.39 19.86
CA ALA A 232 44.06 -19.61 20.53
C ALA A 232 43.56 -18.22 20.87
N ILE A 233 42.89 -17.56 19.91
CA ILE A 233 42.35 -16.22 20.14
C ILE A 233 41.41 -16.22 21.34
N VAL A 234 40.61 -17.28 21.51
CA VAL A 234 39.63 -17.31 22.58
C VAL A 234 40.31 -17.49 23.93
N GLY A 235 41.41 -18.23 23.96
CA GLY A 235 42.02 -18.64 25.21
C GLY A 235 41.82 -20.09 25.55
N GLU A 236 41.23 -20.88 24.65
CA GLU A 236 41.09 -22.33 24.83
C GLU A 236 42.37 -23.02 24.36
N ASP A 237 43.49 -22.61 24.97
CA ASP A 237 44.80 -23.03 24.49
C ASP A 237 44.96 -24.55 24.50
N GLU A 238 44.36 -25.23 25.49
CA GLU A 238 44.39 -26.69 25.48
C GLU A 238 43.84 -27.24 24.18
N LEU A 239 42.68 -26.73 23.73
CA LEU A 239 42.08 -27.20 22.49
C LEU A 239 42.87 -26.72 21.28
N SER A 240 43.31 -25.46 21.30
CA SER A 240 44.07 -24.91 20.18
C SER A 240 45.22 -25.84 19.80
N ALA A 241 45.99 -26.29 20.79
CA ALA A 241 47.10 -27.19 20.51
C ALA A 241 46.61 -28.52 19.95
N SER A 242 45.56 -29.09 20.55
CA SER A 242 45.00 -30.34 20.07
C SER A 242 44.70 -30.28 18.58
N LEU A 243 44.13 -29.18 18.12
CA LEU A 243 43.78 -29.05 16.71
C LEU A 243 45.00 -28.76 15.84
N ALA A 244 45.94 -27.96 16.36
CA ALA A 244 47.14 -27.64 15.59
C ALA A 244 48.04 -28.86 15.39
N LEU A 245 47.96 -29.86 16.26
CA LEU A 245 48.70 -31.09 16.06
C LEU A 245 48.00 -32.03 15.09
N ARG A 246 46.66 -32.03 15.09
CA ARG A 246 45.92 -32.72 14.04
C ARG A 246 46.15 -32.03 12.70
N CYS A 247 46.39 -30.72 12.71
CA CYS A 247 46.79 -30.02 11.49
C CYS A 247 48.08 -30.59 10.94
N ALA A 248 49.04 -30.91 11.83
CA ALA A 248 50.29 -31.49 11.39
C ALA A 248 50.07 -32.86 10.76
N GLN A 249 49.22 -33.68 11.37
CA GLN A 249 48.95 -35.02 10.84
C GLN A 249 48.54 -34.96 9.37
N GLU A 250 47.69 -33.99 9.01
CA GLU A 250 47.26 -33.86 7.62
C GLU A 250 48.43 -33.51 6.71
N LEU A 251 49.44 -32.82 7.23
CA LEU A 251 50.61 -32.45 6.46
C LEU A 251 51.73 -33.48 6.65
N ALA B 1 10.24 -13.44 -4.19
CA ALA B 1 10.42 -12.08 -3.68
C ALA B 1 11.90 -11.71 -3.64
N ARG B 2 12.21 -10.45 -3.92
CA ARG B 2 13.60 -9.99 -3.93
C ARG B 2 14.14 -9.90 -2.50
N SER B 3 15.37 -10.34 -2.33
CA SER B 3 16.00 -10.34 -1.02
C SER B 3 16.40 -8.92 -0.62
N LEU B 4 16.33 -8.66 0.69
CA LEU B 4 16.69 -7.36 1.22
C LEU B 4 18.15 -7.27 1.66
N LEU B 5 18.88 -8.37 1.64
CA LEU B 5 20.30 -8.41 2.04
C LEU B 5 21.11 -9.14 0.98
N PRO B 6 21.13 -8.63 -0.25
CA PRO B 6 21.83 -9.35 -1.34
C PRO B 6 23.34 -9.18 -1.31
N LEU B 7 23.81 -7.95 -1.01
CA LEU B 7 25.25 -7.73 -0.93
C LEU B 7 25.87 -8.61 0.16
N SER B 8 25.32 -8.53 1.38
CA SER B 8 25.83 -9.35 2.47
C SER B 8 25.67 -10.83 2.17
N THR B 9 24.65 -11.21 1.40
CA THR B 9 24.47 -12.61 1.03
C THR B 9 25.56 -13.06 0.07
N SER B 10 26.01 -12.17 -0.82
CA SER B 10 27.08 -12.51 -1.74
C SER B 10 28.40 -12.72 -1.00
N LEU B 11 28.72 -11.83 -0.06
CA LEU B 11 29.97 -11.94 0.68
C LEU B 11 29.98 -13.14 1.63
N ASP B 12 28.82 -13.68 1.97
CA ASP B 12 28.76 -14.91 2.76
C ASP B 12 28.84 -16.16 1.89
N HIS B 13 28.50 -16.06 0.60
CA HIS B 13 28.61 -17.17 -0.33
C HIS B 13 29.79 -16.97 -1.27
N ARG B 14 30.99 -16.92 -0.71
CA ARG B 14 32.20 -16.81 -1.51
C ARG B 14 33.22 -17.82 -1.00
N SER B 15 34.48 -17.67 -1.40
CA SER B 15 35.46 -18.75 -1.28
C SER B 15 35.61 -19.21 0.17
N LYS B 16 36.08 -20.46 0.32
CA LYS B 16 36.40 -21.00 1.63
C LYS B 16 37.58 -20.27 2.25
N GLU B 17 38.54 -19.83 1.43
CA GLU B 17 39.62 -19.00 1.93
C GLU B 17 39.06 -17.73 2.56
N GLU B 18 38.15 -17.06 1.86
CA GLU B 18 37.52 -15.85 2.38
C GLU B 18 36.72 -16.14 3.64
N LEU B 19 36.02 -17.27 3.68
CA LEU B 19 35.21 -17.61 4.85
C LEU B 19 36.08 -17.75 6.10
N HIS B 20 37.26 -18.36 5.95
CA HIS B 20 38.12 -18.60 7.11
C HIS B 20 38.65 -17.31 7.70
N GLN B 21 38.95 -16.32 6.86
CA GLN B 21 39.36 -15.02 7.37
C GLN B 21 38.26 -14.38 8.20
N ASP B 22 37.00 -14.60 7.83
CA ASP B 22 35.88 -14.01 8.57
C ASP B 22 35.82 -14.57 9.99
N CYS B 23 36.06 -15.87 10.15
CA CYS B 23 35.97 -16.48 11.48
C CYS B 23 37.01 -15.88 12.43
N LEU B 24 38.22 -15.59 11.93
CA LEU B 24 39.29 -15.11 12.80
C LEU B 24 39.06 -13.65 13.19
N VAL B 25 38.66 -12.82 12.23
CA VAL B 25 38.30 -11.44 12.56
C VAL B 25 37.14 -11.43 13.55
N LEU B 26 36.08 -12.17 13.24
CA LEU B 26 34.92 -12.23 14.12
C LEU B 26 35.31 -12.72 15.51
N ALA B 27 36.21 -13.72 15.57
CA ALA B 27 36.65 -14.23 16.87
C ALA B 27 37.38 -13.16 17.66
N THR B 28 38.25 -12.39 17.01
CA THR B 28 38.92 -11.30 17.69
C THR B 28 37.93 -10.21 18.09
N ALA B 29 36.97 -9.91 17.21
CA ALA B 29 35.98 -8.89 17.53
C ALA B 29 35.16 -9.27 18.75
N LYS B 30 34.86 -10.56 18.92
CA LYS B 30 34.06 -10.99 20.06
C LYS B 30 34.80 -10.83 21.38
N HIS B 31 36.14 -10.81 21.36
CA HIS B 31 36.92 -10.69 22.59
C HIS B 31 37.05 -9.22 22.94
N SER B 32 36.19 -8.75 23.84
CA SER B 32 36.18 -7.37 24.28
C SER B 32 35.98 -7.29 25.79
N ARG B 33 33.24 -4.71 16.53
CA ARG B 33 33.41 -3.41 15.90
C ARG B 33 34.86 -3.17 15.48
N ASP B 38 35.66 -4.25 15.48
CA ASP B 38 37.09 -4.10 15.23
C ASP B 38 37.42 -3.91 13.76
N VAL B 43 36.72 -4.63 12.87
CA VAL B 43 37.10 -4.63 11.46
C VAL B 43 36.52 -3.41 10.76
N GLU B 44 37.10 -3.10 9.60
CA GLU B 44 36.61 -2.03 8.73
C GLU B 44 36.10 -2.58 7.41
N GLU B 45 36.94 -3.34 6.69
CA GLU B 45 36.54 -3.86 5.38
C GLU B 45 35.32 -4.78 5.50
N ARG B 46 35.35 -5.71 6.44
CA ARG B 46 34.34 -6.77 6.53
C ARG B 46 33.10 -6.25 7.25
N PHE B 47 32.35 -5.41 6.52
CA PHE B 47 31.11 -4.85 7.07
C PHE B 47 30.03 -5.91 7.20
N HIS B 48 30.07 -6.95 6.37
CA HIS B 48 29.05 -7.99 6.40
C HIS B 48 29.10 -8.83 7.67
N LEU B 49 30.11 -8.63 8.53
CA LEU B 49 30.14 -9.31 9.81
C LEU B 49 29.17 -8.71 10.82
N GLY B 50 28.58 -7.54 10.50
CA GLY B 50 27.61 -6.93 11.41
C GLY B 50 26.46 -7.84 11.73
N LEU B 51 26.24 -8.87 10.93
CA LEU B 51 25.21 -9.86 11.22
C LEU B 51 25.57 -10.71 12.43
N PHE B 52 26.87 -10.85 12.72
CA PHE B 52 27.31 -11.66 13.84
C PHE B 52 27.99 -10.86 14.95
N THR B 53 28.35 -9.60 14.70
CA THR B 53 29.07 -8.83 15.70
C THR B 53 28.10 -8.09 16.61
N ASP B 54 27.95 -6.79 16.42
CA ASP B 54 27.14 -5.96 17.30
C ASP B 54 26.16 -5.13 16.49
N ARG B 55 25.22 -4.49 17.20
CA ARG B 55 24.19 -3.70 16.52
C ARG B 55 24.80 -2.56 15.73
N ALA B 56 25.77 -1.85 16.32
CA ALA B 56 26.40 -0.73 15.61
C ALA B 56 26.98 -1.16 14.28
N THR B 57 27.47 -2.40 14.19
CA THR B 57 27.99 -2.91 12.92
C THR B 57 26.88 -3.43 12.03
N LEU B 58 25.82 -4.01 12.62
CA LEU B 58 24.65 -4.40 11.83
C LEU B 58 24.05 -3.20 11.12
N TYR B 59 23.92 -2.07 11.84
CA TYR B 59 23.39 -0.86 11.23
C TYR B 59 24.31 -0.39 10.10
N ARG B 60 25.63 -0.43 10.31
CA ARG B 60 26.57 -0.18 9.23
C ARG B 60 26.24 -1.05 8.02
N MET B 61 26.12 -2.36 8.24
CA MET B 61 25.79 -3.27 7.15
C MET B 61 24.49 -2.88 6.48
N ILE B 62 23.45 -2.60 7.27
CA ILE B 62 22.15 -2.24 6.71
C ILE B 62 22.27 -0.97 5.85
N ASP B 63 22.92 0.06 6.37
CA ASP B 63 23.07 1.30 5.62
C ASP B 63 23.74 1.05 4.27
N ILE B 64 24.83 0.27 4.26
CA ILE B 64 25.47 -0.10 3.01
C ILE B 64 24.48 -0.82 2.09
N GLU B 65 23.69 -1.73 2.66
CA GLU B 65 22.72 -2.48 1.85
C GLU B 65 21.61 -1.57 1.33
N GLY B 66 21.12 -0.66 2.17
CA GLY B 66 20.09 0.27 1.76
C GLY B 66 20.55 1.16 0.64
N LYS B 67 21.66 1.87 0.87
CA LYS B 67 22.28 2.67 -0.19
C LYS B 67 22.49 1.84 -1.46
N GLY B 68 22.79 0.56 -1.31
CA GLY B 68 22.93 -0.30 -2.48
C GLY B 68 21.62 -0.51 -3.21
N HIS B 69 20.53 -0.64 -2.46
CA HIS B 69 19.21 -0.72 -3.08
C HIS B 69 18.89 0.54 -3.86
N LEU B 70 19.26 1.70 -3.32
CA LEU B 70 19.01 2.97 -4.02
C LEU B 70 19.76 3.02 -5.34
N GLU B 71 21.05 2.62 -5.33
CA GLU B 71 21.86 2.69 -6.53
C GLU B 71 21.39 1.74 -7.61
N ASN B 72 20.55 0.76 -7.27
CA ASN B 72 19.93 -0.12 -8.25
C ASN B 72 18.51 0.32 -8.59
N GLY B 73 18.09 1.50 -8.14
CA GLY B 73 16.75 1.98 -8.40
C GLY B 73 15.68 1.14 -7.73
N HIS B 74 15.84 0.89 -6.44
CA HIS B 74 14.89 0.10 -5.67
C HIS B 74 14.66 0.77 -4.32
N PRO B 75 14.06 1.97 -4.33
CA PRO B 75 13.81 2.66 -3.05
C PRO B 75 12.84 1.92 -2.14
N GLU B 76 11.93 1.13 -2.71
CA GLU B 76 11.04 0.32 -1.89
C GLU B 76 11.85 -0.60 -0.96
N LEU B 77 12.93 -1.19 -1.49
CA LEU B 77 13.74 -2.08 -0.66
C LEU B 77 14.57 -1.31 0.34
N PHE B 78 15.05 -0.12 -0.05
CA PHE B 78 15.70 0.77 0.91
C PHE B 78 14.78 1.03 2.10
N HIS B 79 13.54 1.41 1.83
CA HIS B 79 12.61 1.79 2.89
C HIS B 79 12.22 0.58 3.74
N GLN B 80 11.96 -0.56 3.12
CA GLN B 80 11.60 -1.74 3.87
C GLN B 80 12.72 -2.17 4.81
N LEU B 81 13.98 -1.85 4.46
CA LEU B 81 15.11 -2.24 5.29
C LEU B 81 15.28 -1.30 6.48
N MET B 82 15.02 0.00 6.29
CA MET B 82 15.19 0.97 7.36
C MET B 82 14.14 0.83 8.45
N LEU B 83 13.04 0.12 8.19
CA LEU B 83 12.05 -0.12 9.22
C LEU B 83 12.60 -1.02 10.31
N TRP B 84 13.51 -1.93 9.96
CA TRP B 84 14.07 -2.84 10.94
C TRP B 84 14.84 -2.10 12.02
N LYS B 85 15.53 -1.02 11.64
CA LYS B 85 16.29 -0.25 12.62
C LYS B 85 15.40 0.46 13.62
N GLY B 86 14.12 0.67 13.28
CA GLY B 86 13.15 1.16 14.22
C GLY B 86 12.75 2.62 14.06
N ASP B 87 13.47 3.38 13.25
CA ASP B 87 13.18 4.82 13.10
C ASP B 87 12.12 5.03 12.03
N LEU B 88 10.92 4.51 12.29
CA LEU B 88 9.82 4.65 11.35
C LEU B 88 9.56 6.11 11.01
N LYS B 89 9.47 6.96 12.03
CA LYS B 89 9.17 8.37 11.79
C LYS B 89 10.24 9.02 10.93
N GLY B 90 11.49 8.56 11.04
CA GLY B 90 12.57 9.08 10.23
C GLY B 90 12.53 8.58 8.80
N VAL B 91 12.12 7.32 8.61
CA VAL B 91 11.97 6.80 7.26
C VAL B 91 10.85 7.51 6.53
N LEU B 92 9.71 7.71 7.21
CA LEU B 92 8.58 8.40 6.58
C LEU B 92 8.96 9.82 6.18
N GLN B 93 9.64 10.54 7.08
CA GLN B 93 10.05 11.91 6.77
C GLN B 93 10.99 11.94 5.58
N THR B 94 11.90 10.96 5.49
CA THR B 94 12.78 10.88 4.33
C THR B 94 12.01 10.47 3.08
N ALA B 95 11.12 9.47 3.21
CA ALA B 95 10.35 9.02 2.06
C ALA B 95 9.50 10.15 1.49
N ALA B 96 8.89 10.96 2.36
CA ALA B 96 8.10 12.09 1.89
C ALA B 96 8.97 13.08 1.14
N GLU B 97 10.17 13.37 1.66
CA GLU B 97 11.06 14.32 1.00
C GLU B 97 11.47 13.84 -0.38
N ARG B 98 11.70 12.53 -0.53
CA ARG B 98 12.13 11.97 -1.80
C ARG B 98 10.98 11.70 -2.76
N GLY B 99 9.74 11.86 -2.32
CA GLY B 99 8.61 11.52 -3.16
C GLY B 99 8.48 10.03 -3.42
N GLU B 100 8.90 9.21 -2.48
CA GLU B 100 8.85 7.76 -2.62
C GLU B 100 7.81 7.12 -1.69
N LEU B 101 6.96 7.92 -1.05
CA LEU B 101 5.90 7.37 -0.21
C LEU B 101 5.06 6.39 -1.01
N THR B 102 4.56 5.36 -0.32
CA THR B 102 3.77 4.31 -0.96
C THR B 102 2.69 3.84 0.00
N ASP B 103 1.79 2.99 -0.52
CA ASP B 103 0.77 2.39 0.32
C ASP B 103 1.40 1.58 1.44
N ASN B 104 2.36 0.72 1.09
CA ASN B 104 3.01 -0.11 2.10
C ASN B 104 3.64 0.74 3.20
N LEU B 105 4.27 1.85 2.84
CA LEU B 105 4.85 2.72 3.85
C LEU B 105 3.77 3.33 4.73
N VAL B 106 2.67 3.79 4.14
CA VAL B 106 1.59 4.37 4.93
C VAL B 106 0.89 3.32 5.78
N ALA B 107 0.81 2.08 5.29
CA ALA B 107 0.20 1.01 6.07
C ALA B 107 0.90 0.85 7.41
N MET B 108 2.23 1.04 7.44
CA MET B 108 3.00 0.88 8.68
C MET B 108 3.12 2.17 9.49
N ALA B 109 2.72 3.31 8.93
CA ALA B 109 2.83 4.57 9.66
C ALA B 109 2.11 4.56 11.00
N PRO B 110 0.93 3.94 11.14
CA PRO B 110 0.25 3.98 12.45
C PRO B 110 1.05 3.34 13.58
N ALA B 111 2.13 2.63 13.26
CA ALA B 111 2.98 2.08 14.31
C ALA B 111 3.52 3.17 15.23
N ALA B 112 3.68 4.39 14.71
CA ALA B 112 4.14 5.52 15.51
C ALA B 112 2.99 6.28 16.16
N GLY B 113 1.74 5.87 15.93
CA GLY B 113 0.59 6.53 16.48
C GLY B 113 -0.33 7.09 15.41
N TYR B 114 -1.53 7.46 15.85
CA TYR B 114 -2.52 7.99 14.91
C TYR B 114 -2.04 9.30 14.29
N HIS B 115 -1.33 10.11 15.06
CA HIS B 115 -0.90 11.42 14.57
C HIS B 115 0.15 11.30 13.47
N VAL B 116 0.98 10.25 13.51
CA VAL B 116 1.95 10.05 12.45
C VAL B 116 1.27 9.50 11.19
N TRP B 117 0.24 8.67 11.37
CA TRP B 117 -0.51 8.21 10.20
C TRP B 117 -1.24 9.36 9.52
N LEU B 118 -1.88 10.22 10.31
CA LEU B 118 -2.54 11.39 9.73
C LEU B 118 -1.54 12.20 8.90
N TRP B 119 -0.35 12.47 9.46
CA TRP B 119 0.66 13.21 8.72
C TRP B 119 1.05 12.47 7.45
N ALA B 120 1.13 11.13 7.51
CA ALA B 120 1.59 10.36 6.36
C ALA B 120 0.58 10.38 5.23
N VAL B 121 -0.70 10.22 5.55
CA VAL B 121 -1.74 10.19 4.52
C VAL B 121 -1.79 11.54 3.79
N GLU B 122 -1.79 12.63 4.54
CA GLU B 122 -1.72 13.95 3.91
C GLU B 122 -0.49 14.07 3.03
N ALA B 123 0.67 13.68 3.56
CA ALA B 123 1.90 13.71 2.76
C ALA B 123 1.76 12.86 1.51
N PHE B 124 1.31 11.61 1.67
CA PHE B 124 1.10 10.74 0.51
C PHE B 124 0.06 11.31 -0.43
N ALA B 125 -0.92 12.04 0.10
CA ALA B 125 -1.94 12.65 -0.75
C ALA B 125 -1.37 13.77 -1.60
N LYS B 126 -0.71 14.74 -0.96
CA LYS B 126 -0.06 15.82 -1.71
C LYS B 126 0.84 15.25 -2.79
N GLN B 127 1.65 14.25 -2.45
CA GLN B 127 2.54 13.64 -3.43
C GLN B 127 1.76 12.97 -4.56
N LEU B 128 0.64 12.33 -4.24
CA LEU B 128 -0.14 11.66 -5.27
C LEU B 128 -0.76 12.65 -6.24
N CYS B 129 -1.05 13.88 -5.80
CA CYS B 129 -1.49 14.91 -6.72
C CYS B 129 -0.41 15.19 -7.77
N PHE B 130 0.84 15.33 -7.31
CA PHE B 130 1.95 15.55 -8.24
C PHE B 130 2.08 14.39 -9.22
N GLN B 131 1.83 13.17 -8.76
CA GLN B 131 1.97 11.99 -9.61
C GLN B 131 0.80 11.79 -10.55
N ASP B 132 -0.15 12.74 -10.61
CA ASP B 132 -1.28 12.68 -11.53
C ASP B 132 -2.21 11.50 -11.19
N GLN B 133 -2.56 11.38 -9.90
CA GLN B 133 -3.46 10.34 -9.42
C GLN B 133 -4.45 10.99 -8.44
N TYR B 134 -5.30 11.86 -8.95
CA TYR B 134 -6.16 12.67 -8.09
C TYR B 134 -7.27 11.84 -7.46
N VAL B 135 -7.72 10.79 -8.14
CA VAL B 135 -8.78 9.95 -7.57
C VAL B 135 -8.23 9.13 -6.41
N LYS B 136 -7.02 8.58 -6.56
CA LYS B 136 -6.38 7.87 -5.45
C LYS B 136 -6.13 8.81 -4.28
N ALA B 137 -5.62 10.01 -4.56
CA ALA B 137 -5.43 10.99 -3.49
C ALA B 137 -6.75 11.34 -2.82
N ALA B 138 -7.83 11.40 -3.59
CA ALA B 138 -9.15 11.68 -3.02
C ALA B 138 -9.56 10.59 -2.03
N SER B 139 -9.28 9.33 -2.35
CA SER B 139 -9.62 8.25 -1.45
C SER B 139 -8.84 8.34 -0.14
N HIS B 140 -7.58 8.75 -0.21
CA HIS B 140 -6.75 8.83 0.99
C HIS B 140 -7.20 10.00 1.87
N LEU B 141 -7.61 11.11 1.27
CA LEU B 141 -8.16 12.22 2.05
C LEU B 141 -9.49 11.84 2.68
N LEU B 142 -10.24 10.92 2.05
CA LEU B 142 -11.43 10.38 2.70
C LEU B 142 -11.06 9.54 3.91
N SER B 143 -9.95 8.81 3.84
CA SER B 143 -9.54 7.92 4.91
C SER B 143 -9.25 8.68 6.20
N ILE B 144 -8.77 9.91 6.09
CA ILE B 144 -8.53 10.76 7.25
C ILE B 144 -9.70 11.71 7.50
N HIS B 145 -10.90 11.37 7.01
CA HIS B 145 -12.12 12.10 7.32
C HIS B 145 -12.01 13.57 6.91
N LYS B 146 -11.59 13.79 5.67
CA LYS B 146 -11.53 15.12 5.06
C LYS B 146 -12.36 15.09 3.78
N VAL B 147 -13.68 15.00 3.96
CA VAL B 147 -14.57 14.76 2.84
C VAL B 147 -14.69 15.99 1.95
N TYR B 148 -14.85 17.17 2.56
CA TYR B 148 -14.96 18.38 1.76
C TYR B 148 -13.64 18.67 1.05
N GLU B 149 -12.52 18.53 1.76
CA GLU B 149 -11.21 18.76 1.13
C GLU B 149 -10.99 17.78 -0.02
N ALA B 150 -11.41 16.53 0.15
CA ALA B 150 -11.27 15.55 -0.91
C ALA B 150 -12.12 15.93 -2.12
N VAL B 151 -13.34 16.41 -1.89
CA VAL B 151 -14.24 16.75 -2.97
C VAL B 151 -13.75 18.00 -3.71
N GLU B 152 -13.30 19.01 -2.96
CA GLU B 152 -12.79 20.22 -3.59
C GLU B 152 -11.59 19.92 -4.47
N LEU B 153 -10.76 18.94 -4.09
CA LEU B 153 -9.61 18.56 -4.91
C LEU B 153 -10.06 18.06 -6.27
N LEU B 154 -10.98 17.08 -6.29
CA LEU B 154 -11.43 16.50 -7.55
C LEU B 154 -12.11 17.56 -8.41
N LYS B 155 -13.01 18.35 -7.83
CA LYS B 155 -13.65 19.43 -8.57
C LYS B 155 -12.61 20.36 -9.18
N SER B 156 -11.65 20.80 -8.37
CA SER B 156 -10.63 21.73 -8.85
C SER B 156 -9.90 21.18 -10.07
N ASN B 157 -9.74 19.87 -10.16
CA ASN B 157 -9.05 19.23 -11.27
C ASN B 157 -10.01 18.63 -12.28
N HIS B 158 -11.26 19.07 -12.28
CA HIS B 158 -12.24 18.74 -13.30
C HIS B 158 -12.69 17.28 -13.24
N PHE B 159 -12.49 16.61 -12.11
CA PHE B 159 -13.05 15.27 -11.90
C PHE B 159 -14.44 15.39 -11.29
N TYR B 160 -15.34 16.02 -12.06
CA TYR B 160 -16.67 16.31 -11.56
C TYR B 160 -17.45 15.03 -11.25
N ARG B 161 -17.37 14.04 -12.15
CA ARG B 161 -18.12 12.81 -11.97
C ARG B 161 -17.80 12.15 -10.64
N GLU B 162 -16.52 11.86 -10.41
CA GLU B 162 -16.12 11.18 -9.18
C GLU B 162 -16.40 12.05 -7.95
N ALA B 163 -16.22 13.38 -8.09
CA ALA B 163 -16.50 14.26 -6.96
C ALA B 163 -17.97 14.21 -6.55
N ILE B 164 -18.88 14.19 -7.53
CA ILE B 164 -20.30 14.13 -7.22
C ILE B 164 -20.63 12.82 -6.53
N ALA B 165 -20.02 11.71 -6.97
CA ALA B 165 -20.29 10.42 -6.35
C ALA B 165 -19.78 10.38 -4.93
N ILE B 166 -18.64 11.01 -4.66
CA ILE B 166 -18.15 11.09 -3.28
C ILE B 166 -19.02 12.03 -2.46
N ALA B 167 -19.43 13.15 -3.05
CA ALA B 167 -20.23 14.12 -2.32
C ALA B 167 -21.64 13.62 -2.07
N LYS B 168 -22.19 12.84 -3.01
CA LYS B 168 -23.55 12.32 -2.86
C LYS B 168 -23.60 11.19 -1.83
N ALA B 169 -22.52 10.43 -1.70
CA ALA B 169 -22.49 9.28 -0.81
C ALA B 169 -22.16 9.62 0.63
N ARG B 170 -21.56 10.79 0.88
CA ARG B 170 -21.12 11.16 2.21
C ARG B 170 -21.88 12.35 2.80
N LEU B 171 -22.47 13.19 1.98
CA LEU B 171 -23.10 14.41 2.44
C LEU B 171 -24.61 14.30 2.37
N ARG B 172 -25.30 15.10 3.19
CA ARG B 172 -26.74 15.16 3.14
C ARG B 172 -27.16 15.69 1.76
N PRO B 173 -28.30 15.21 1.23
CA PRO B 173 -28.67 15.59 -0.15
C PRO B 173 -28.74 17.09 -0.42
N GLU B 174 -29.01 17.91 0.59
CA GLU B 174 -29.23 19.33 0.37
C GLU B 174 -27.96 20.17 0.58
N ASP B 175 -26.82 19.52 0.84
CA ASP B 175 -25.57 20.21 1.07
C ASP B 175 -25.27 21.17 -0.09
N PRO B 176 -25.05 22.46 0.18
CA PRO B 176 -24.72 23.37 -0.92
C PRO B 176 -23.53 22.92 -1.74
N VAL B 177 -22.61 22.16 -1.15
CA VAL B 177 -21.47 21.63 -1.90
C VAL B 177 -21.96 20.69 -2.99
N LEU B 178 -22.79 19.70 -2.62
CA LEU B 178 -23.34 18.79 -3.61
C LEU B 178 -24.03 19.55 -4.73
N LYS B 179 -24.84 20.55 -4.37
CA LYS B 179 -25.51 21.35 -5.39
C LYS B 179 -24.50 22.10 -6.25
N ASP B 180 -23.50 22.71 -5.63
CA ASP B 180 -22.52 23.50 -6.38
C ASP B 180 -21.76 22.65 -7.39
N LEU B 181 -21.59 21.35 -7.12
CA LEU B 181 -20.92 20.49 -8.08
C LEU B 181 -21.76 20.34 -9.35
N TYR B 182 -23.06 20.08 -9.21
CA TYR B 182 -23.95 20.00 -10.35
C TYR B 182 -23.91 21.30 -11.15
N LEU B 183 -24.02 22.43 -10.46
CA LEU B 183 -23.93 23.73 -11.14
C LEU B 183 -22.56 23.89 -11.79
N SER B 184 -21.48 23.73 -11.01
CA SER B 184 -20.13 23.92 -11.54
C SER B 184 -19.88 23.01 -12.74
N TRP B 185 -20.38 21.78 -12.69
CA TRP B 185 -20.25 20.88 -13.84
C TRP B 185 -21.14 21.32 -14.98
N GLY B 186 -22.37 21.77 -14.67
CA GLY B 186 -23.29 22.16 -15.71
C GLY B 186 -22.79 23.33 -16.55
N THR B 187 -22.39 24.42 -15.87
CA THR B 187 -21.86 25.57 -16.60
C THR B 187 -20.72 25.16 -17.53
N VAL B 188 -19.80 24.34 -17.04
CA VAL B 188 -18.66 23.91 -17.84
C VAL B 188 -19.14 23.18 -19.10
N LEU B 189 -20.08 22.26 -18.94
CA LEU B 189 -20.61 21.55 -20.09
C LEU B 189 -21.37 22.49 -21.02
N GLU B 190 -22.20 23.37 -20.46
CA GLU B 190 -22.87 24.39 -21.26
C GLU B 190 -21.86 25.16 -22.10
N ARG B 191 -20.75 25.56 -21.49
CA ARG B 191 -19.72 26.31 -22.19
C ARG B 191 -19.23 25.56 -23.42
N ASP B 192 -19.04 24.25 -23.30
CA ASP B 192 -18.43 23.46 -24.36
C ASP B 192 -19.46 22.76 -25.25
N GLY B 193 -20.73 23.15 -25.16
CA GLY B 193 -21.73 22.66 -26.10
C GLY B 193 -22.38 21.34 -25.76
N HIS B 194 -22.26 20.87 -24.51
CA HIS B 194 -22.89 19.62 -24.09
C HIS B 194 -24.17 19.98 -23.33
N TYR B 195 -25.20 20.36 -24.09
CA TYR B 195 -26.43 20.87 -23.49
C TYR B 195 -27.22 19.76 -22.82
N ALA B 196 -27.27 18.58 -23.44
CA ALA B 196 -28.01 17.45 -22.85
C ALA B 196 -27.44 17.10 -21.49
N VAL B 197 -26.13 16.83 -21.41
CA VAL B 197 -25.52 16.47 -20.14
C VAL B 197 -25.64 17.63 -19.16
N ALA B 198 -25.49 18.86 -19.64
CA ALA B 198 -25.64 20.03 -18.77
C ALA B 198 -27.01 20.03 -18.10
N ALA B 199 -28.07 19.72 -18.86
CA ALA B 199 -29.41 19.68 -18.29
C ALA B 199 -29.48 18.67 -17.14
N LYS B 200 -28.89 17.49 -17.33
CA LYS B 200 -28.83 16.50 -16.26
C LYS B 200 -28.23 17.08 -14.99
N CYS B 201 -27.18 17.89 -15.14
CA CYS B 201 -26.58 18.53 -13.97
C CYS B 201 -27.56 19.50 -13.33
N TYR B 202 -28.13 20.40 -14.12
CA TYR B 202 -29.11 21.35 -13.59
C TYR B 202 -30.28 20.63 -12.95
N LEU B 203 -30.72 19.51 -13.53
CA LEU B 203 -31.75 18.69 -12.89
C LEU B 203 -31.27 18.15 -11.55
N GLY B 204 -30.03 17.63 -11.51
CA GLY B 204 -29.50 17.13 -10.24
C GLY B 204 -29.45 18.19 -9.15
N ALA B 205 -29.25 19.45 -9.54
CA ALA B 205 -29.25 20.57 -8.60
C ALA B 205 -30.66 21.08 -8.29
N THR B 206 -31.71 20.42 -8.78
CA THR B 206 -33.08 20.82 -8.53
C THR B 206 -33.39 22.17 -9.17
N CYS B 207 -32.78 22.44 -10.32
CA CYS B 207 -33.00 23.67 -11.10
C CYS B 207 -33.60 23.25 -12.44
N ALA B 208 -34.92 23.00 -12.45
CA ALA B 208 -35.56 22.45 -13.64
C ALA B 208 -35.71 23.49 -14.74
N TYR B 209 -36.03 24.73 -14.39
CA TYR B 209 -36.13 25.79 -15.39
C TYR B 209 -34.84 25.86 -16.21
N ASP B 210 -33.69 25.99 -15.52
CA ASP B 210 -32.43 26.09 -16.22
C ASP B 210 -32.10 24.81 -16.98
N ALA B 211 -32.59 23.66 -16.50
CA ALA B 211 -32.41 22.42 -17.25
C ALA B 211 -33.10 22.50 -18.60
N ALA B 212 -34.35 22.98 -18.61
CA ALA B 212 -35.07 23.13 -19.87
C ALA B 212 -34.39 24.14 -20.79
N LYS B 213 -33.91 25.26 -20.22
CA LYS B 213 -33.36 26.32 -21.05
C LYS B 213 -32.07 25.87 -21.75
N VAL B 214 -31.14 25.27 -21.00
CA VAL B 214 -29.88 24.85 -21.62
C VAL B 214 -30.13 23.82 -22.71
N LEU B 215 -31.12 22.94 -22.50
CA LEU B 215 -31.47 21.96 -23.53
C LEU B 215 -32.03 22.63 -24.77
N ALA B 216 -32.65 23.80 -24.61
CA ALA B 216 -33.14 24.56 -25.76
C ALA B 216 -32.02 25.24 -26.53
N LYS B 217 -30.83 25.38 -25.93
CA LYS B 217 -29.76 26.11 -26.59
C LYS B 217 -29.22 25.38 -27.81
N LYS B 218 -29.38 24.07 -27.88
CA LYS B 218 -28.87 23.33 -29.05
C LYS B 218 -29.48 23.86 -30.33
N GLY B 219 -30.80 24.05 -30.34
CA GLY B 219 -31.49 24.69 -31.45
C GLY B 219 -32.28 23.76 -32.34
N ASP B 220 -31.91 22.47 -32.39
CA ASP B 220 -32.57 21.56 -33.30
C ASP B 220 -33.98 21.24 -32.81
N ALA B 221 -34.67 20.37 -33.54
CA ALA B 221 -36.05 20.04 -33.22
C ALA B 221 -36.12 19.07 -32.03
N ALA B 222 -35.29 18.03 -32.04
CA ALA B 222 -35.30 17.05 -30.95
C ALA B 222 -35.02 17.72 -29.61
N SER B 223 -34.01 18.59 -29.57
CA SER B 223 -33.67 19.27 -28.33
C SER B 223 -34.83 20.11 -27.82
N LEU B 224 -35.48 20.86 -28.71
CA LEU B 224 -36.56 21.75 -28.30
C LEU B 224 -37.80 20.99 -27.87
N ARG B 225 -38.08 19.85 -28.50
CA ARG B 225 -39.22 19.05 -28.08
C ARG B 225 -39.00 18.48 -26.69
N THR B 226 -37.87 17.80 -26.47
CA THR B 226 -37.57 17.26 -25.15
C THR B 226 -37.51 18.37 -24.10
N ALA B 227 -36.89 19.50 -24.45
CA ALA B 227 -36.85 20.64 -23.53
C ALA B 227 -38.27 21.06 -23.15
N ALA B 228 -39.18 21.07 -24.13
CA ALA B 228 -40.58 21.41 -23.83
C ALA B 228 -41.21 20.35 -22.94
N GLU B 229 -41.05 19.07 -23.30
CA GLU B 229 -41.58 18.00 -22.47
C GLU B 229 -40.99 18.05 -21.06
N LEU B 230 -39.72 18.44 -20.95
CA LEU B 230 -39.10 18.55 -19.63
C LEU B 230 -39.75 19.65 -18.80
N ALA B 231 -40.05 20.80 -19.43
CA ALA B 231 -40.69 21.88 -18.70
C ALA B 231 -42.12 21.54 -18.32
N ALA B 232 -42.81 20.72 -19.13
CA ALA B 232 -44.17 20.33 -18.79
C ALA B 232 -44.18 19.40 -17.59
N ILE B 233 -43.34 18.36 -17.61
CA ILE B 233 -43.21 17.45 -16.47
C ILE B 233 -43.06 18.26 -15.18
N VAL B 234 -42.15 19.23 -15.19
CA VAL B 234 -41.83 19.99 -13.98
C VAL B 234 -43.01 20.86 -13.57
N GLY B 235 -43.66 21.50 -14.53
CA GLY B 235 -44.80 22.35 -14.22
C GLY B 235 -44.59 23.79 -14.60
N GLU B 236 -43.54 24.07 -15.37
CA GLU B 236 -43.33 25.40 -15.96
C GLU B 236 -43.99 25.46 -17.33
N ASP B 237 -45.31 25.26 -17.33
CA ASP B 237 -46.06 25.09 -18.57
C ASP B 237 -45.95 26.31 -19.48
N GLU B 238 -45.84 27.51 -18.91
CA GLU B 238 -45.64 28.70 -19.74
C GLU B 238 -44.40 28.54 -20.61
N LEU B 239 -43.28 28.13 -20.00
CA LEU B 239 -42.06 27.93 -20.77
C LEU B 239 -42.19 26.74 -21.71
N SER B 240 -42.88 25.68 -21.28
CA SER B 240 -43.06 24.51 -22.13
C SER B 240 -43.78 24.89 -23.41
N ALA B 241 -44.82 25.73 -23.31
CA ALA B 241 -45.51 26.22 -24.49
C ALA B 241 -44.56 27.06 -25.35
N SER B 242 -43.84 27.98 -24.72
CA SER B 242 -42.91 28.83 -25.46
C SER B 242 -41.89 28.00 -26.24
N LEU B 243 -41.39 26.92 -25.62
CA LEU B 243 -40.43 26.06 -26.31
C LEU B 243 -41.11 25.13 -27.30
N ALA B 244 -42.37 24.74 -27.05
CA ALA B 244 -43.11 23.97 -28.04
C ALA B 244 -43.33 24.77 -29.31
N LEU B 245 -43.64 26.07 -29.17
CA LEU B 245 -43.73 26.96 -30.32
C LEU B 245 -42.42 26.95 -31.10
N ARG B 246 -41.31 27.24 -30.42
CA ARG B 246 -40.02 27.31 -31.09
C ARG B 246 -39.66 25.99 -31.77
N CYS B 247 -40.19 24.87 -31.26
CA CYS B 247 -39.94 23.58 -31.89
C CYS B 247 -40.61 23.49 -33.25
N ALA B 248 -41.87 23.89 -33.34
CA ALA B 248 -42.59 23.80 -34.61
C ALA B 248 -42.03 24.77 -35.64
N GLN B 249 -41.53 25.93 -35.20
CA GLN B 249 -40.95 26.88 -36.14
C GLN B 249 -39.77 26.26 -36.90
N GLU B 250 -38.89 25.55 -36.19
CA GLU B 250 -37.71 24.98 -36.83
C GLU B 250 -38.10 24.00 -37.93
N LEU B 251 -39.20 23.26 -37.73
CA LEU B 251 -39.62 22.26 -38.71
C LEU B 251 -40.12 22.87 -40.01
N LEU B 252 -40.45 24.16 -40.02
CA LEU B 252 -40.91 24.82 -41.22
C LEU B 252 -39.74 25.20 -42.13
I IOD C . -34.53 12.04 -6.94
I IOD D . -12.53 -8.25 -2.54
I IOD E . 33.62 -25.51 4.73
I IOD F . -14.79 4.80 7.13
I IOD G . 1.31 -14.69 10.53
I IOD H . 7.99 0.89 0.12
I IOD I . -26.37 18.59 -27.08
I IOD J . 8.08 -0.53 12.07
I IOD K . -39.01 16.97 -32.94
I IOD L . 13.44 6.42 -1.00
I IOD M . 7.79 3.34 15.75
I IOD N . 34.00 -15.36 22.46
I IOD O . 31.01 -7.95 18.90
#